data_4LLA
#
_entry.id   4LLA
#
_cell.length_a   57.367
_cell.length_b   66.170
_cell.length_c   83.719
_cell.angle_alpha   90.00
_cell.angle_beta   95.11
_cell.angle_gamma   90.00
#
_symmetry.space_group_name_H-M   'P 1 21 1'
#
loop_
_entity.id
_entity.type
_entity.pdbx_description
1 polymer 'Leukocyte immunoglobulin-like receptor subfamily B member 2'
2 water water
#
_entity_poly.entity_id   1
_entity_poly.type   'polypeptide(L)'
_entity_poly.pdbx_seq_one_letter_code
;SKKPSLSVQPGPVMAPGESLTLQCVSDVGYDRFVLYKEGERDLRQLPGRQPQAGLSQANFTLGPVSRSYGGQYRCYGAHN
LSSECSAPSDPLDILITGQIRGTPFISVQPGPTVASGENVTLLCQSWRQFHTFLLTKAGAADAPLRLRSIHEYPKYQAEF
PMSPVTSAHAGTYRCYGSLNSDPYLLSHPSEPLELVVS
;
_entity_poly.pdbx_strand_id   A,B,C
#
# COMPACT_ATOMS: atom_id res chain seq x y z
N SER A 1 -13.76 -12.27 -21.58
CA SER A 1 -14.58 -11.07 -21.68
C SER A 1 -14.84 -10.44 -20.31
N LYS A 2 -14.27 -11.05 -19.27
CA LYS A 2 -14.50 -10.64 -17.88
C LYS A 2 -14.12 -9.18 -17.62
N LYS A 3 -14.75 -8.59 -16.61
CA LYS A 3 -14.55 -7.17 -16.30
C LYS A 3 -13.21 -6.91 -15.63
N PRO A 4 -12.52 -5.84 -16.07
CA PRO A 4 -11.28 -5.37 -15.46
C PRO A 4 -11.53 -4.66 -14.13
N SER A 5 -10.46 -4.34 -13.42
CA SER A 5 -10.55 -3.65 -12.14
C SER A 5 -10.06 -2.21 -12.29
N LEU A 6 -10.58 -1.30 -11.47
CA LEU A 6 -10.17 0.12 -11.50
C LEU A 6 -9.63 0.53 -10.15
N SER A 7 -8.50 1.26 -10.14
CA SER A 7 -7.95 1.79 -8.89
C SER A 7 -7.40 3.21 -9.05
N VAL A 8 -7.25 3.92 -7.93
CA VAL A 8 -6.64 5.25 -7.93
C VAL A 8 -5.37 5.33 -7.11
N GLN A 9 -4.40 6.06 -7.63
CA GLN A 9 -3.31 6.58 -6.81
C GLN A 9 -3.28 8.09 -7.01
N PRO A 10 -3.08 8.86 -5.93
CA PRO A 10 -2.83 8.41 -4.56
C PRO A 10 -4.11 8.02 -3.82
N GLY A 11 -5.26 8.41 -4.35
CA GLY A 11 -6.54 8.19 -3.67
C GLY A 11 -7.71 8.84 -4.39
N PRO A 12 -8.93 8.60 -3.89
CA PRO A 12 -10.16 9.06 -4.55
C PRO A 12 -10.59 10.45 -4.09
N VAL A 13 -10.09 10.90 -2.95
CA VAL A 13 -10.43 12.22 -2.43
C VAL A 13 -9.36 13.22 -2.87
N MET A 14 -9.77 14.22 -3.65
CA MET A 14 -8.83 15.09 -4.35
C MET A 14 -9.12 16.57 -4.12
N ALA A 15 -8.08 17.35 -3.87
CA ALA A 15 -8.19 18.79 -3.81
C ALA A 15 -7.88 19.35 -5.19
N PRO A 16 -8.57 20.43 -5.59
CA PRO A 16 -8.34 21.07 -6.89
C PRO A 16 -6.86 21.34 -7.16
N GLY A 17 -6.43 21.17 -8.41
CA GLY A 17 -5.02 21.37 -8.74
C GLY A 17 -4.23 20.07 -8.70
N GLU A 18 -4.61 19.16 -7.80
CA GLU A 18 -3.96 17.85 -7.73
C GLU A 18 -4.17 17.06 -9.03
N SER A 19 -3.38 16.01 -9.19
CA SER A 19 -3.48 15.15 -10.36
C SER A 19 -3.56 13.73 -9.85
N LEU A 20 -4.14 12.84 -10.65
CA LEU A 20 -4.27 11.45 -10.25
C LEU A 20 -4.21 10.53 -11.46
N THR A 21 -3.96 9.25 -11.19
CA THR A 21 -3.91 8.27 -12.24
C THR A 21 -4.92 7.18 -11.93
N LEU A 22 -5.79 6.90 -12.90
CA LEU A 22 -6.76 5.82 -12.76
C LEU A 22 -6.18 4.65 -13.53
N GLN A 23 -6.04 3.53 -12.84
CA GLN A 23 -5.41 2.36 -13.44
C GLN A 23 -6.43 1.26 -13.64
N CYS A 24 -6.47 0.73 -14.87
CA CYS A 24 -7.42 -0.33 -15.22
C CYS A 24 -6.65 -1.57 -15.60
N VAL A 25 -6.88 -2.67 -14.87
CA VAL A 25 -6.12 -3.90 -15.06
C VAL A 25 -7.03 -5.10 -15.37
N SER A 26 -6.63 -5.94 -16.32
CA SER A 26 -7.34 -7.19 -16.62
C SER A 26 -6.37 -8.33 -16.87
N ASP A 27 -6.82 -9.56 -16.65
CA ASP A 27 -6.01 -10.74 -16.98
C ASP A 27 -6.33 -11.28 -18.38
N VAL A 28 -7.16 -10.55 -19.11
CA VAL A 28 -7.40 -10.81 -20.52
C VAL A 28 -6.58 -9.78 -21.29
N GLY A 29 -5.89 -10.22 -22.33
CA GLY A 29 -4.96 -9.33 -23.02
C GLY A 29 -5.63 -8.35 -23.95
N TYR A 30 -6.37 -7.41 -23.37
CA TYR A 30 -7.01 -6.37 -24.17
C TYR A 30 -5.99 -5.46 -24.83
N ASP A 31 -6.25 -5.12 -26.08
CA ASP A 31 -5.38 -4.28 -26.88
C ASP A 31 -5.49 -2.82 -26.43
N ARG A 32 -6.68 -2.41 -26.00
CA ARG A 32 -6.93 -1.05 -25.54
C ARG A 32 -7.94 -0.98 -24.39
N PHE A 33 -7.87 0.08 -23.61
CA PHE A 33 -8.82 0.32 -22.53
C PHE A 33 -9.56 1.63 -22.74
N VAL A 34 -10.78 1.72 -22.23
CA VAL A 34 -11.58 2.93 -22.34
C VAL A 34 -12.07 3.33 -20.96
N LEU A 35 -11.75 4.55 -20.55
CA LEU A 35 -12.21 5.08 -19.28
C LEU A 35 -13.41 5.96 -19.54
N TYR A 36 -14.48 5.78 -18.77
CA TYR A 36 -15.64 6.64 -18.92
C TYR A 36 -16.26 7.05 -17.59
N LYS A 37 -16.91 8.21 -17.62
CA LYS A 37 -17.56 8.79 -16.46
C LYS A 37 -19.07 8.63 -16.60
N GLU A 38 -19.72 8.15 -15.53
CA GLU A 38 -21.16 7.96 -15.52
C GLU A 38 -21.87 9.25 -15.95
N GLY A 39 -22.62 9.17 -17.04
CA GLY A 39 -23.42 10.29 -17.50
C GLY A 39 -22.70 11.38 -18.27
N GLU A 40 -21.45 11.12 -18.67
CA GLU A 40 -20.71 12.10 -19.46
C GLU A 40 -20.38 11.53 -20.84
N ARG A 41 -20.48 12.37 -21.87
CA ARG A 41 -20.27 11.95 -23.25
C ARG A 41 -18.80 11.62 -23.56
N ASP A 42 -17.88 12.36 -22.97
CA ASP A 42 -16.47 12.25 -23.36
C ASP A 42 -15.85 10.92 -22.93
N LEU A 43 -15.02 10.37 -23.79
CA LEU A 43 -14.33 9.11 -23.52
C LEU A 43 -12.82 9.32 -23.50
N ARG A 44 -12.12 8.47 -22.75
CA ARG A 44 -10.67 8.43 -22.78
C ARG A 44 -10.22 7.04 -23.21
N GLN A 45 -9.29 6.99 -24.16
CA GLN A 45 -8.86 5.74 -24.74
C GLN A 45 -7.34 5.63 -24.67
N LEU A 46 -6.87 4.51 -24.13
CA LEU A 46 -5.44 4.26 -23.99
C LEU A 46 -5.12 2.84 -24.46
N PRO A 47 -3.97 2.67 -25.13
CA PRO A 47 -3.54 1.34 -25.55
C PRO A 47 -3.06 0.49 -24.36
N GLY A 48 -3.25 -0.82 -24.44
CA GLY A 48 -2.85 -1.71 -23.36
C GLY A 48 -1.35 -1.88 -23.31
N ARG A 49 -0.83 -2.12 -22.11
CA ARG A 49 0.60 -2.35 -21.91
C ARG A 49 0.72 -3.51 -20.93
N GLN A 50 1.84 -4.23 -20.95
CA GLN A 50 1.99 -5.39 -20.07
C GLN A 50 3.18 -5.29 -19.14
N PRO A 51 3.16 -4.33 -18.19
CA PRO A 51 4.29 -4.31 -17.26
C PRO A 51 4.29 -5.51 -16.32
N GLN A 52 3.12 -5.88 -15.81
CA GLN A 52 3.00 -7.09 -14.98
C GLN A 52 2.64 -8.34 -15.78
N ALA A 53 3.29 -9.45 -15.43
CA ALA A 53 3.11 -10.72 -16.13
C ALA A 53 1.69 -11.27 -16.01
N GLY A 54 1.15 -11.71 -17.15
CA GLY A 54 -0.19 -12.28 -17.19
C GLY A 54 -1.26 -11.23 -16.92
N LEU A 55 -0.89 -9.97 -17.14
CA LEU A 55 -1.76 -8.86 -16.82
C LEU A 55 -1.66 -7.75 -17.87
N SER A 56 -2.80 -7.21 -18.28
CA SER A 56 -2.83 -6.07 -19.20
C SER A 56 -3.41 -4.85 -18.48
N GLN A 57 -2.87 -3.66 -18.74
CA GLN A 57 -3.35 -2.47 -18.07
C GLN A 57 -3.14 -1.15 -18.83
N ALA A 58 -3.76 -0.10 -18.35
CA ALA A 58 -3.57 1.25 -18.86
C ALA A 58 -3.64 2.25 -17.71
N ASN A 59 -2.79 3.27 -17.76
CA ASN A 59 -2.78 4.28 -16.70
C ASN A 59 -3.38 5.59 -17.20
N PHE A 60 -4.61 5.86 -16.80
CA PHE A 60 -5.25 7.10 -17.20
C PHE A 60 -4.89 8.19 -16.19
N THR A 61 -4.13 9.17 -16.64
CA THR A 61 -3.74 10.26 -15.76
C THR A 61 -4.66 11.42 -16.05
N LEU A 62 -5.36 11.87 -15.01
CA LEU A 62 -6.26 13.00 -15.17
C LEU A 62 -5.53 14.24 -14.68
N GLY A 63 -5.29 15.17 -15.62
CA GLY A 63 -4.51 16.37 -15.38
C GLY A 63 -5.10 17.22 -14.28
N PRO A 64 -4.47 18.38 -13.99
CA PRO A 64 -4.81 19.20 -12.82
C PRO A 64 -6.32 19.24 -12.58
N VAL A 65 -6.73 18.77 -11.40
CA VAL A 65 -8.12 18.38 -11.18
C VAL A 65 -9.01 19.58 -10.81
N SER A 66 -10.28 19.50 -11.23
CA SER A 66 -11.26 20.55 -10.93
C SER A 66 -12.57 19.96 -10.43
N ARG A 67 -13.54 20.83 -10.16
CA ARG A 67 -14.87 20.42 -9.75
C ARG A 67 -15.53 19.48 -10.78
N SER A 68 -15.26 19.72 -12.05
CA SER A 68 -15.88 18.95 -13.13
C SER A 68 -15.37 17.51 -13.21
N TYR A 69 -14.29 17.22 -12.50
CA TYR A 69 -13.69 15.89 -12.52
C TYR A 69 -14.38 14.95 -11.52
N GLY A 70 -15.14 15.53 -10.60
CA GLY A 70 -15.87 14.75 -9.61
C GLY A 70 -16.95 13.91 -10.26
N GLY A 71 -17.06 12.64 -9.85
CA GLY A 71 -18.06 11.76 -10.39
C GLY A 71 -17.71 10.29 -10.36
N GLN A 72 -18.44 9.49 -11.14
CA GLN A 72 -18.34 8.05 -11.08
C GLN A 72 -17.66 7.51 -12.32
N TYR A 73 -16.56 6.78 -12.12
CA TYR A 73 -15.76 6.30 -13.24
C TYR A 73 -15.78 4.78 -13.41
N ARG A 74 -15.87 4.36 -14.66
CA ARG A 74 -15.77 2.94 -15.01
C ARG A 74 -14.78 2.77 -16.14
N CYS A 75 -14.35 1.53 -16.33
CA CYS A 75 -13.37 1.19 -17.35
C CYS A 75 -13.79 -0.10 -18.03
N TYR A 76 -13.50 -0.22 -19.33
CA TYR A 76 -13.72 -1.46 -20.04
C TYR A 76 -12.61 -1.74 -21.03
N GLY A 77 -12.39 -3.01 -21.35
CA GLY A 77 -11.37 -3.41 -22.29
C GLY A 77 -11.96 -3.74 -23.65
N ALA A 78 -11.12 -3.62 -24.68
CA ALA A 78 -11.53 -3.96 -26.04
C ALA A 78 -10.38 -4.65 -26.75
N HIS A 79 -10.72 -5.39 -27.80
CA HIS A 79 -9.70 -6.05 -28.62
C HIS A 79 -9.62 -5.37 -29.97
N ASN A 80 -8.52 -5.62 -30.64
CA ASN A 80 -8.21 -4.95 -31.85
C ASN A 80 -9.04 -5.32 -33.01
N LEU A 81 -9.13 -6.59 -33.32
CA LEU A 81 -9.84 -6.88 -34.53
C LEU A 81 -11.29 -6.84 -34.21
N SER A 82 -11.59 -7.68 -33.27
CA SER A 82 -12.85 -7.96 -32.58
C SER A 82 -13.71 -6.71 -32.34
N SER A 83 -15.03 -6.88 -32.39
CA SER A 83 -15.96 -5.77 -32.19
C SER A 83 -16.64 -5.83 -30.83
N GLU A 84 -16.28 -6.82 -30.03
CA GLU A 84 -16.83 -6.91 -28.68
C GLU A 84 -15.95 -6.19 -27.66
N CYS A 85 -16.60 -5.61 -26.66
CA CYS A 85 -15.91 -4.99 -25.55
C CYS A 85 -16.25 -5.75 -24.27
N SER A 86 -15.44 -5.58 -23.24
CA SER A 86 -15.61 -6.32 -21.99
C SER A 86 -16.78 -5.81 -21.18
N ALA A 87 -17.08 -6.51 -20.08
CA ALA A 87 -17.99 -5.97 -19.09
C ALA A 87 -17.27 -4.83 -18.40
N PRO A 88 -18.01 -3.77 -18.02
CA PRO A 88 -17.38 -2.61 -17.37
C PRO A 88 -16.90 -2.92 -15.96
N SER A 89 -15.85 -2.23 -15.51
CA SER A 89 -15.32 -2.39 -14.16
C SER A 89 -16.36 -1.93 -13.14
N ASP A 90 -16.14 -2.26 -11.87
CA ASP A 90 -16.91 -1.66 -10.80
C ASP A 90 -16.62 -0.15 -10.74
N PRO A 91 -17.61 0.66 -10.31
CA PRO A 91 -17.41 2.11 -10.42
C PRO A 91 -16.46 2.66 -9.36
N LEU A 92 -15.72 3.71 -9.74
CA LEU A 92 -14.78 4.35 -8.82
C LEU A 92 -15.21 5.81 -8.66
N ASP A 93 -15.54 6.20 -7.44
CA ASP A 93 -15.94 7.59 -7.14
C ASP A 93 -14.72 8.49 -6.96
N ILE A 94 -14.67 9.58 -7.73
CA ILE A 94 -13.66 10.61 -7.53
C ILE A 94 -14.33 11.81 -6.87
N LEU A 95 -13.80 12.21 -5.71
CA LEU A 95 -14.40 13.29 -4.93
C LEU A 95 -13.52 14.54 -4.95
N ILE A 96 -14.15 15.71 -5.11
CA ILE A 96 -13.40 16.97 -5.10
C ILE A 96 -13.72 17.78 -3.83
N THR A 97 -12.69 18.19 -3.11
CA THR A 97 -12.85 18.89 -1.84
C THR A 97 -12.86 20.41 -1.97
N GLY A 98 -13.36 21.08 -0.94
CA GLY A 98 -13.36 22.55 -0.90
C GLY A 98 -14.34 23.18 -1.86
N GLN A 99 -15.35 22.41 -2.27
CA GLN A 99 -16.30 22.87 -3.28
C GLN A 99 -17.61 23.39 -2.71
N ILE A 100 -17.90 23.03 -1.46
CA ILE A 100 -19.13 23.52 -0.81
C ILE A 100 -18.83 24.12 0.56
N ARG A 101 -19.76 24.96 1.03
CA ARG A 101 -19.59 25.69 2.28
C ARG A 101 -19.64 24.78 3.50
N GLY A 102 -19.03 25.23 4.59
CA GLY A 102 -19.10 24.50 5.85
C GLY A 102 -17.87 23.66 6.15
N THR A 103 -17.59 23.52 7.43
CA THR A 103 -16.42 22.81 7.89
C THR A 103 -16.80 21.93 9.08
N PRO A 104 -16.77 20.61 8.87
CA PRO A 104 -17.24 19.64 9.88
C PRO A 104 -16.23 19.43 10.98
N PHE A 105 -16.65 18.87 12.12
CA PHE A 105 -15.71 18.57 13.19
C PHE A 105 -15.74 17.07 13.49
N ILE A 106 -14.59 16.51 13.82
CA ILE A 106 -14.48 15.07 14.09
C ILE A 106 -14.19 14.82 15.57
N SER A 107 -14.64 13.68 16.09
CA SER A 107 -14.34 13.31 17.48
C SER A 107 -14.43 11.79 17.69
N VAL A 108 -13.82 11.30 18.77
CA VAL A 108 -13.80 9.87 19.05
C VAL A 108 -14.51 9.56 20.36
N GLN A 109 -15.20 8.42 20.40
CA GLN A 109 -15.81 7.94 21.63
C GLN A 109 -15.39 6.51 21.88
N PRO A 110 -14.86 6.23 23.08
CA PRO A 110 -14.74 7.19 24.18
C PRO A 110 -13.45 8.02 24.13
N GLY A 111 -12.51 7.65 23.26
CA GLY A 111 -11.27 8.40 23.14
C GLY A 111 -10.33 7.91 22.06
N PRO A 112 -9.25 8.67 21.80
CA PRO A 112 -8.21 8.45 20.78
C PRO A 112 -7.19 7.40 21.21
N THR A 113 -7.25 6.89 22.40
CA THR A 113 -6.25 5.92 22.73
C THR A 113 -7.13 4.88 23.16
N VAL A 114 -6.82 3.70 22.75
CA VAL A 114 -7.84 2.80 22.44
C VAL A 114 -7.31 1.43 22.63
N ALA A 115 -8.02 0.60 23.37
CA ALA A 115 -7.47 -0.74 23.53
C ALA A 115 -8.08 -1.64 22.47
N SER A 116 -7.28 -2.51 21.86
CA SER A 116 -7.78 -3.40 20.83
C SER A 116 -8.99 -4.21 21.33
N GLY A 117 -9.99 -4.39 20.47
CA GLY A 117 -11.17 -5.14 20.83
C GLY A 117 -12.30 -4.32 21.43
N GLU A 118 -12.08 -3.00 21.51
CA GLU A 118 -13.05 -2.10 22.13
C GLU A 118 -14.08 -1.60 21.12
N ASN A 119 -15.18 -1.05 21.60
CA ASN A 119 -16.14 -0.40 20.72
C ASN A 119 -15.65 1.02 20.51
N VAL A 120 -15.56 1.46 19.26
CA VAL A 120 -15.18 2.84 18.99
C VAL A 120 -16.05 3.42 17.90
N THR A 121 -16.81 4.46 18.28
CA THR A 121 -17.57 5.24 17.32
C THR A 121 -16.77 6.47 16.96
N LEU A 122 -16.75 6.80 15.68
CA LEU A 122 -16.12 8.01 15.21
C LEU A 122 -17.21 8.85 14.56
N LEU A 123 -17.45 10.05 15.07
CA LEU A 123 -18.50 10.87 14.48
C LEU A 123 -18.03 12.20 13.91
N CYS A 124 -18.61 12.53 12.76
CA CYS A 124 -18.40 13.81 12.13
C CYS A 124 -19.63 14.66 12.37
N GLN A 125 -19.43 15.89 12.83
CA GLN A 125 -20.52 16.80 13.15
C GLN A 125 -20.42 18.07 12.34
N SER A 126 -21.54 18.78 12.23
CA SER A 126 -21.61 19.99 11.44
C SER A 126 -22.68 20.96 11.93
N TRP A 127 -22.38 22.25 11.87
CA TRP A 127 -23.38 23.27 12.16
C TRP A 127 -24.29 23.40 10.93
N ARG A 128 -23.65 23.59 9.78
CA ARG A 128 -24.36 23.73 8.52
C ARG A 128 -24.95 22.39 8.09
N GLN A 129 -25.97 22.44 7.22
CA GLN A 129 -26.59 21.21 6.75
C GLN A 129 -25.73 20.49 5.73
N PHE A 130 -25.46 19.21 6.01
CA PHE A 130 -24.88 18.34 4.99
C PHE A 130 -25.83 17.16 4.83
N HIS A 131 -25.91 16.61 3.63
CA HIS A 131 -26.75 15.43 3.40
C HIS A 131 -25.98 14.15 3.72
N THR A 132 -24.70 14.11 3.36
CA THR A 132 -23.86 12.95 3.68
C THR A 132 -22.52 13.36 4.30
N PHE A 133 -21.98 12.50 5.16
CA PHE A 133 -20.64 12.67 5.70
C PHE A 133 -19.69 11.59 5.17
N LEU A 134 -18.43 11.97 4.99
CA LEU A 134 -17.43 11.02 4.51
C LEU A 134 -16.26 10.92 5.48
N LEU A 135 -15.91 9.68 5.81
CA LEU A 135 -14.76 9.45 6.67
C LEU A 135 -13.61 8.94 5.80
N THR A 136 -12.49 9.65 5.84
CA THR A 136 -11.30 9.24 5.09
C THR A 136 -10.17 8.95 6.07
N LYS A 137 -9.23 8.13 5.63
CA LYS A 137 -8.08 7.75 6.44
C LYS A 137 -6.85 8.08 5.62
N ALA A 138 -5.92 8.83 6.22
CA ALA A 138 -4.73 9.29 5.52
C ALA A 138 -4.08 8.16 4.73
N GLY A 139 -3.68 8.47 3.50
CA GLY A 139 -3.14 7.49 2.58
C GLY A 139 -2.23 6.44 3.17
N ALA A 140 -2.27 5.18 2.71
CA ALA A 140 -3.19 4.65 1.69
C ALA A 140 -4.69 4.94 1.82
N ALA A 141 -5.24 5.65 0.85
CA ALA A 141 -6.65 6.01 0.85
C ALA A 141 -7.42 5.26 -0.22
N ASP A 142 -8.31 4.36 0.20
CA ASP A 142 -9.06 3.54 -0.75
C ASP A 142 -10.55 3.51 -0.42
N ALA A 143 -10.93 4.19 0.65
CA ALA A 143 -12.33 4.24 1.06
C ALA A 143 -13.21 4.85 -0.03
N PRO A 144 -14.00 5.85 0.36
CA PRO A 144 -14.02 6.31 1.76
C PRO A 144 -15.40 5.98 2.30
N LEU A 145 -15.61 6.04 3.61
CA LEU A 145 -16.92 5.66 4.15
C LEU A 145 -17.92 6.81 4.02
N ARG A 146 -19.10 6.51 3.45
CA ARG A 146 -20.16 7.50 3.35
C ARG A 146 -21.38 7.10 4.17
N LEU A 147 -22.08 8.10 4.71
CA LEU A 147 -23.25 7.87 5.54
C LEU A 147 -24.21 9.02 5.35
N ARG A 148 -25.50 8.76 5.49
CA ARG A 148 -26.48 9.82 5.40
C ARG A 148 -26.36 10.62 6.69
N SER A 149 -26.46 11.94 6.60
CA SER A 149 -26.36 12.76 7.79
C SER A 149 -27.69 12.70 8.53
N ILE A 150 -27.62 12.61 9.84
CA ILE A 150 -28.81 12.65 10.68
C ILE A 150 -28.94 14.02 11.34
N HIS A 151 -30.06 14.70 11.11
CA HIS A 151 -30.29 16.00 11.74
C HIS A 151 -30.70 15.86 13.19
N GLU A 152 -29.74 16.11 14.09
CA GLU A 152 -30.02 16.15 15.51
C GLU A 152 -29.73 17.56 16.00
N TYR A 153 -30.71 18.45 15.83
CA TYR A 153 -30.59 19.88 16.18
C TYR A 153 -29.77 20.15 17.43
N PRO A 154 -28.88 21.17 17.38
CA PRO A 154 -28.71 22.11 16.27
C PRO A 154 -27.62 21.66 15.31
N LYS A 155 -27.26 20.38 15.36
CA LYS A 155 -26.17 19.86 14.57
C LYS A 155 -26.59 18.76 13.60
N TYR A 156 -25.74 18.53 12.61
CA TYR A 156 -25.87 17.38 11.73
C TYR A 156 -24.70 16.48 12.07
N GLN A 157 -24.92 15.17 12.02
CA GLN A 157 -23.88 14.24 12.45
C GLN A 157 -24.02 12.88 11.78
N ALA A 158 -22.98 12.07 11.92
CA ALA A 158 -23.00 10.70 11.40
C ALA A 158 -22.01 9.88 12.21
N GLU A 159 -22.45 8.72 12.67
CA GLU A 159 -21.61 7.85 13.48
C GLU A 159 -20.99 6.75 12.64
N PHE A 160 -19.66 6.68 12.65
CA PHE A 160 -18.96 5.64 11.91
C PHE A 160 -18.45 4.63 12.92
N PRO A 161 -19.21 3.54 13.12
CA PRO A 161 -18.86 2.59 14.17
C PRO A 161 -17.74 1.66 13.74
N MET A 162 -16.79 1.43 14.63
CA MET A 162 -15.70 0.52 14.35
C MET A 162 -15.63 -0.50 15.48
N SER A 163 -16.80 -0.83 16.03
CA SER A 163 -16.91 -1.82 17.10
C SER A 163 -16.13 -3.08 16.71
N PRO A 164 -15.66 -3.85 17.71
CA PRO A 164 -14.38 -4.51 17.56
C PRO A 164 -13.36 -3.75 16.69
N VAL A 165 -12.57 -2.90 17.33
CA VAL A 165 -11.44 -2.24 16.69
C VAL A 165 -10.24 -3.18 16.66
N THR A 166 -9.37 -2.97 15.69
CA THR A 166 -8.14 -3.74 15.59
C THR A 166 -7.00 -2.75 15.38
N SER A 167 -5.77 -3.24 15.43
CA SER A 167 -4.61 -2.39 15.18
C SER A 167 -4.66 -1.74 13.80
N ALA A 168 -5.42 -2.34 12.88
CA ALA A 168 -5.55 -1.84 11.52
C ALA A 168 -6.35 -0.55 11.43
N HIS A 169 -7.33 -0.38 12.33
CA HIS A 169 -8.13 0.85 12.35
C HIS A 169 -7.32 2.08 12.68
N ALA A 170 -6.17 1.89 13.32
CA ALA A 170 -5.33 3.00 13.75
C ALA A 170 -4.87 3.82 12.55
N GLY A 171 -4.83 5.14 12.72
CA GLY A 171 -4.41 6.04 11.66
C GLY A 171 -4.99 7.43 11.80
N THR A 172 -4.81 8.25 10.77
CA THR A 172 -5.23 9.65 10.80
C THR A 172 -6.51 9.85 9.99
N TYR A 173 -7.56 10.31 10.66
CA TYR A 173 -8.87 10.43 10.05
C TYR A 173 -9.31 11.86 9.82
N ARG A 174 -9.90 12.10 8.66
CA ARG A 174 -10.56 13.36 8.38
C ARG A 174 -12.02 13.10 8.03
N CYS A 175 -12.81 14.17 8.03
CA CYS A 175 -14.24 14.04 7.93
C CYS A 175 -14.76 15.10 6.97
N TYR A 176 -15.61 14.70 6.03
CA TYR A 176 -16.09 15.60 5.00
C TYR A 176 -17.61 15.62 4.93
N GLY A 177 -18.18 16.72 4.43
CA GLY A 177 -19.61 16.84 4.26
C GLY A 177 -19.93 16.96 2.79
N SER A 178 -21.14 16.60 2.40
CA SER A 178 -21.55 16.65 1.00
C SER A 178 -23.05 16.93 0.87
N LEU A 179 -23.44 17.53 -0.25
CA LEU A 179 -24.85 17.79 -0.54
C LEU A 179 -25.33 17.02 -1.77
N ASN A 180 -26.62 16.73 -1.80
CA ASN A 180 -27.21 15.87 -2.84
C ASN A 180 -27.17 16.49 -4.23
N SER A 181 -27.04 17.81 -4.30
CA SER A 181 -26.83 18.50 -5.57
C SER A 181 -25.72 17.82 -6.36
N ASP A 182 -24.63 17.49 -5.68
CA ASP A 182 -23.53 16.72 -6.27
C ASP A 182 -22.74 16.03 -5.16
N PRO A 183 -22.98 14.72 -5.00
CA PRO A 183 -22.38 13.92 -3.92
C PRO A 183 -20.88 13.67 -4.13
N TYR A 184 -20.35 14.16 -5.24
CA TYR A 184 -18.95 13.97 -5.57
C TYR A 184 -18.18 15.25 -5.25
N LEU A 185 -18.91 16.27 -4.79
CA LEU A 185 -18.31 17.52 -4.33
C LEU A 185 -18.37 17.57 -2.81
N LEU A 186 -17.21 17.74 -2.18
CA LEU A 186 -17.14 17.71 -0.72
C LEU A 186 -16.82 19.09 -0.13
N SER A 187 -17.02 19.22 1.17
CA SER A 187 -16.63 20.41 1.89
C SER A 187 -15.13 20.40 2.12
N HIS A 188 -14.62 21.43 2.78
CA HIS A 188 -13.24 21.39 3.25
C HIS A 188 -13.17 20.35 4.37
N PRO A 189 -11.98 19.74 4.58
CA PRO A 189 -11.87 18.68 5.58
C PRO A 189 -11.95 19.20 7.01
N SER A 190 -12.25 18.32 7.96
CA SER A 190 -12.18 18.64 9.37
C SER A 190 -10.70 18.62 9.77
N GLU A 191 -10.41 18.93 11.02
CA GLU A 191 -9.07 18.72 11.52
C GLU A 191 -8.81 17.23 11.57
N PRO A 192 -7.55 16.82 11.36
CA PRO A 192 -7.23 15.39 11.45
C PRO A 192 -7.43 14.89 12.88
N LEU A 193 -7.73 13.60 13.01
CA LEU A 193 -7.83 12.98 14.33
C LEU A 193 -7.04 11.70 14.27
N GLU A 194 -5.91 11.64 14.98
CA GLU A 194 -5.13 10.42 14.94
C GLU A 194 -5.64 9.37 15.91
N LEU A 195 -6.00 8.21 15.37
CA LEU A 195 -6.46 7.10 16.17
C LEU A 195 -5.27 6.18 16.42
N VAL A 196 -5.02 5.89 17.69
CA VAL A 196 -3.94 4.99 18.09
C VAL A 196 -4.53 3.79 18.81
N VAL A 197 -3.84 2.65 18.73
CA VAL A 197 -4.29 1.46 19.45
C VAL A 197 -3.12 0.82 20.20
N SER A 198 -3.44 0.08 21.25
CA SER A 198 -2.45 -0.61 22.07
C SER A 198 -3.17 -1.45 23.12
N SER B 1 16.31 25.09 5.15
CA SER B 1 16.83 25.17 3.79
C SER B 1 17.04 23.77 3.20
N LYS B 2 16.64 22.74 3.96
CA LYS B 2 16.87 21.34 3.60
C LYS B 2 16.32 21.00 2.21
N LYS B 3 16.88 19.97 1.59
CA LYS B 3 16.52 19.58 0.24
C LYS B 3 15.17 18.86 0.20
N PRO B 4 14.35 19.19 -0.81
CA PRO B 4 13.07 18.52 -1.05
C PRO B 4 13.32 17.13 -1.65
N SER B 5 12.27 16.32 -1.79
CA SER B 5 12.43 14.99 -2.36
C SER B 5 11.80 14.91 -3.75
N LEU B 6 12.33 14.05 -4.61
CA LEU B 6 11.82 13.90 -5.97
C LEU B 6 11.35 12.47 -6.19
N SER B 7 10.19 12.30 -6.82
CA SER B 7 9.69 10.96 -7.16
C SER B 7 9.04 10.93 -8.55
N VAL B 8 8.95 9.74 -9.12
CA VAL B 8 8.35 9.55 -10.43
C VAL B 8 7.08 8.73 -10.37
N GLN B 9 6.08 9.15 -11.14
CA GLN B 9 4.97 8.26 -11.49
C GLN B 9 4.89 8.23 -13.02
N PRO B 10 4.71 7.04 -13.61
CA PRO B 10 4.60 5.74 -12.94
C PRO B 10 5.96 5.13 -12.61
N GLY B 11 7.03 5.70 -13.17
CA GLY B 11 8.38 5.18 -12.98
C GLY B 11 9.41 5.87 -13.84
N PRO B 12 10.70 5.54 -13.63
CA PRO B 12 11.82 6.22 -14.29
C PRO B 12 12.24 5.56 -15.61
N VAL B 13 11.84 4.32 -15.83
CA VAL B 13 12.18 3.61 -17.05
C VAL B 13 11.04 3.82 -18.06
N MET B 14 11.35 4.48 -19.17
CA MET B 14 10.34 4.97 -20.10
C MET B 14 10.64 4.60 -21.55
N ALA B 15 9.62 4.14 -22.27
CA ALA B 15 9.73 3.92 -23.71
C ALA B 15 9.27 5.18 -24.42
N PRO B 16 9.87 5.49 -25.58
CA PRO B 16 9.53 6.69 -26.36
C PRO B 16 8.04 6.88 -26.59
N GLY B 17 7.59 8.12 -26.53
CA GLY B 17 6.18 8.43 -26.70
C GLY B 17 5.44 8.50 -25.38
N GLU B 18 5.88 7.70 -24.42
CA GLU B 18 5.28 7.69 -23.09
C GLU B 18 5.44 9.04 -22.39
N SER B 19 4.66 9.23 -21.35
CA SER B 19 4.72 10.47 -20.58
C SER B 19 4.75 10.11 -19.10
N LEU B 20 5.30 11.01 -18.28
CA LEU B 20 5.41 10.76 -16.85
C LEU B 20 5.29 12.03 -16.03
N THR B 21 5.07 11.86 -14.73
CA THR B 21 4.94 13.00 -13.83
C THR B 21 5.96 12.91 -12.70
N LEU B 22 6.73 13.99 -12.54
CA LEU B 22 7.73 14.09 -11.48
C LEU B 22 7.20 14.98 -10.36
N GLN B 23 7.20 14.47 -9.13
CA GLN B 23 6.66 15.22 -8.01
C GLN B 23 7.76 15.65 -7.04
N CYS B 24 7.75 16.93 -6.67
CA CYS B 24 8.75 17.48 -5.77
C CYS B 24 8.07 17.95 -4.48
N VAL B 25 8.46 17.36 -3.36
CA VAL B 25 7.81 17.60 -2.08
C VAL B 25 8.78 18.09 -1.00
N SER B 26 8.34 19.08 -0.24
CA SER B 26 9.11 19.57 0.91
C SER B 26 8.19 19.83 2.12
N ASP B 27 8.75 19.80 3.32
CA ASP B 27 7.99 20.16 4.52
C ASP B 27 8.17 21.63 4.84
N VAL B 28 8.86 22.33 3.95
CA VAL B 28 8.98 23.77 4.01
C VAL B 28 8.04 24.35 2.97
N GLY B 29 7.27 25.36 3.36
CA GLY B 29 6.26 25.90 2.47
C GLY B 29 6.86 26.81 1.43
N TYR B 30 7.64 26.24 0.52
CA TYR B 30 8.21 27.02 -0.57
C TYR B 30 7.06 27.49 -1.44
N ASP B 31 7.14 28.73 -1.91
CA ASP B 31 6.09 29.31 -2.72
C ASP B 31 6.08 28.65 -4.09
N ARG B 32 7.26 28.28 -4.58
CA ARG B 32 7.37 27.70 -5.90
C ARG B 32 8.48 26.64 -5.97
N PHE B 33 8.36 25.75 -6.95
CA PHE B 33 9.38 24.73 -7.19
C PHE B 33 9.99 24.89 -8.58
N VAL B 34 11.24 24.45 -8.73
CA VAL B 34 11.94 24.51 -10.01
C VAL B 34 12.49 23.13 -10.33
N LEU B 35 12.12 22.59 -11.48
CA LEU B 35 12.66 21.31 -11.94
C LEU B 35 13.72 21.59 -12.98
N TYR B 36 14.87 20.94 -12.86
CA TYR B 36 15.92 21.09 -13.87
C TYR B 36 16.61 19.77 -14.18
N LYS B 37 17.18 19.71 -15.38
CA LYS B 37 17.92 18.55 -15.84
C LYS B 37 19.39 18.92 -15.76
N GLU B 38 20.22 18.05 -15.18
CA GLU B 38 21.65 18.31 -15.01
C GLU B 38 22.32 18.73 -16.31
N GLY B 39 22.87 19.94 -16.32
CA GLY B 39 23.61 20.42 -17.47
C GLY B 39 22.70 20.87 -18.60
N GLU B 40 21.42 21.04 -18.30
CA GLU B 40 20.48 21.47 -19.31
C GLU B 40 19.96 22.86 -18.97
N ARG B 41 19.85 23.69 -20.01
CA ARG B 41 19.45 25.09 -19.86
C ARG B 41 17.99 25.26 -19.46
N ASP B 42 17.14 24.39 -20.00
CA ASP B 42 15.70 24.58 -19.83
C ASP B 42 15.24 24.30 -18.40
N LEU B 43 14.35 25.16 -17.91
CA LEU B 43 13.81 25.04 -16.57
C LEU B 43 12.29 24.85 -16.63
N ARG B 44 11.76 24.15 -15.63
CA ARG B 44 10.32 24.08 -15.46
C ARG B 44 10.03 24.66 -14.10
N GLN B 45 9.07 25.57 -14.04
CA GLN B 45 8.84 26.34 -12.85
C GLN B 45 7.37 26.24 -12.49
N LEU B 46 7.08 25.79 -11.28
CA LEU B 46 5.70 25.59 -10.84
C LEU B 46 5.50 26.12 -9.44
N PRO B 47 4.34 26.76 -9.18
CA PRO B 47 4.02 27.22 -7.83
C PRO B 47 3.71 26.07 -6.91
N GLY B 48 4.03 26.24 -5.62
CA GLY B 48 3.76 25.21 -4.64
C GLY B 48 2.29 25.15 -4.27
N ARG B 49 1.82 23.95 -3.93
CA ARG B 49 0.45 23.77 -3.47
C ARG B 49 0.50 22.89 -2.23
N GLN B 50 -0.50 23.03 -1.36
CA GLN B 50 -0.51 22.26 -0.12
C GLN B 50 -1.78 21.42 0.03
N PRO B 51 -1.95 20.39 -0.83
CA PRO B 51 -3.09 19.49 -0.66
C PRO B 51 -2.91 18.69 0.63
N GLN B 52 -1.66 18.34 0.91
CA GLN B 52 -1.32 17.67 2.16
C GLN B 52 -1.06 18.73 3.22
N ALA B 53 -1.59 18.51 4.42
CA ALA B 53 -1.35 19.45 5.51
C ALA B 53 0.12 19.36 5.92
N GLY B 54 0.77 20.52 6.03
CA GLY B 54 2.18 20.56 6.40
C GLY B 54 3.14 20.06 5.33
N LEU B 55 2.68 20.02 4.08
CA LEU B 55 3.52 19.57 2.97
C LEU B 55 3.24 20.40 1.72
N SER B 56 4.29 20.85 1.06
CA SER B 56 4.16 21.62 -0.18
C SER B 56 4.71 20.79 -1.34
N GLN B 57 4.07 20.88 -2.50
CA GLN B 57 4.49 20.09 -3.66
C GLN B 57 4.15 20.72 -5.01
N ALA B 58 4.73 20.16 -6.06
CA ALA B 58 4.41 20.54 -7.44
C ALA B 58 4.52 19.29 -8.30
N ASN B 59 3.63 19.17 -9.29
CA ASN B 59 3.64 18.00 -10.18
C ASN B 59 4.13 18.36 -11.57
N PHE B 60 5.37 17.99 -11.87
CA PHE B 60 5.94 18.25 -13.19
C PHE B 60 5.65 17.10 -14.16
N THR B 61 4.91 17.39 -15.21
CA THR B 61 4.59 16.40 -16.21
C THR B 61 5.48 16.59 -17.43
N LEU B 62 6.22 15.56 -17.80
CA LEU B 62 7.09 15.63 -18.97
C LEU B 62 6.38 15.00 -20.15
N GLY B 63 6.10 15.82 -21.17
CA GLY B 63 5.34 15.42 -22.35
C GLY B 63 5.98 14.27 -23.10
N PRO B 64 5.35 13.84 -24.21
CA PRO B 64 5.74 12.63 -24.94
C PRO B 64 7.26 12.47 -25.02
N VAL B 65 7.78 11.38 -24.47
CA VAL B 65 9.20 11.28 -24.13
C VAL B 65 10.06 10.87 -25.33
N SER B 66 11.30 11.38 -25.37
CA SER B 66 12.22 11.06 -26.45
C SER B 66 13.59 10.70 -25.88
N ARG B 67 14.52 10.43 -26.78
CA ARG B 67 15.90 10.13 -26.41
C ARG B 67 16.54 11.27 -25.62
N SER B 68 16.18 12.50 -25.97
CA SER B 68 16.77 13.69 -25.33
C SER B 68 16.29 13.88 -23.89
N TYR B 69 15.26 13.15 -23.52
CA TYR B 69 14.67 13.25 -22.18
C TYR B 69 15.46 12.44 -21.16
N GLY B 70 16.33 11.56 -21.64
CA GLY B 70 17.16 10.75 -20.77
C GLY B 70 18.16 11.61 -20.01
N GLY B 71 18.31 11.35 -18.72
CA GLY B 71 19.27 12.09 -17.92
C GLY B 71 18.93 12.19 -16.45
N GLN B 72 19.59 13.14 -15.79
CA GLN B 72 19.54 13.26 -14.34
C GLN B 72 18.76 14.52 -13.97
N TYR B 73 17.72 14.36 -13.16
CA TYR B 73 16.84 15.47 -12.80
C TYR B 73 16.94 15.83 -11.32
N ARG B 74 16.95 17.12 -11.02
CA ARG B 74 16.92 17.58 -9.64
C ARG B 74 15.84 18.63 -9.50
N CYS B 75 15.45 18.91 -8.27
CA CYS B 75 14.39 19.88 -8.01
C CYS B 75 14.77 20.74 -6.81
N TYR B 76 14.36 21.99 -6.82
CA TYR B 76 14.56 22.86 -5.66
C TYR B 76 13.38 23.79 -5.39
N GLY B 77 13.24 24.21 -4.13
CA GLY B 77 12.18 25.12 -3.75
C GLY B 77 12.72 26.52 -3.61
N ALA B 78 11.85 27.52 -3.78
CA ALA B 78 12.26 28.91 -3.62
C ALA B 78 11.16 29.69 -2.94
N HIS B 79 11.52 30.83 -2.35
CA HIS B 79 10.53 31.69 -1.71
C HIS B 79 10.34 32.97 -2.51
N ASN B 80 9.21 33.61 -2.37
CA ASN B 80 9.04 34.77 -3.19
C ASN B 80 9.74 36.05 -2.75
N LEU B 81 9.53 36.50 -1.54
CA LEU B 81 10.15 37.72 -1.08
C LEU B 81 11.64 37.59 -1.05
N SER B 82 12.03 36.65 -0.23
CA SER B 82 13.34 36.04 -0.01
C SER B 82 13.90 35.53 -1.34
N SER B 83 15.22 35.61 -1.54
CA SER B 83 15.81 35.10 -2.78
C SER B 83 16.54 33.82 -2.50
N GLU B 84 16.31 33.26 -1.32
CA GLU B 84 16.95 32.01 -0.98
C GLU B 84 16.21 30.87 -1.65
N CYS B 85 16.98 29.90 -2.13
CA CYS B 85 16.43 28.68 -2.68
C CYS B 85 16.94 27.52 -1.84
N SER B 86 16.25 26.39 -1.92
CA SER B 86 16.64 25.24 -1.12
C SER B 86 17.89 24.62 -1.72
N ALA B 87 18.44 23.64 -1.02
CA ALA B 87 19.46 22.79 -1.62
C ALA B 87 18.72 21.91 -2.63
N PRO B 88 19.39 21.53 -3.72
CA PRO B 88 18.71 20.71 -4.72
C PRO B 88 18.42 19.29 -4.20
N SER B 89 17.34 18.68 -4.68
CA SER B 89 16.97 17.33 -4.28
C SER B 89 18.01 16.33 -4.75
N ASP B 90 17.94 15.10 -4.25
CA ASP B 90 18.75 14.02 -4.80
C ASP B 90 18.38 13.82 -6.27
N PRO B 91 19.32 13.35 -7.09
CA PRO B 91 19.05 13.27 -8.52
C PRO B 91 18.13 12.10 -8.87
N LEU B 92 17.33 12.26 -9.92
CA LEU B 92 16.41 11.23 -10.38
C LEU B 92 16.80 10.86 -11.80
N ASP B 93 17.25 9.62 -11.99
CA ASP B 93 17.62 9.17 -13.32
C ASP B 93 16.39 8.77 -14.13
N ILE B 94 16.21 9.41 -15.27
CA ILE B 94 15.16 9.01 -16.22
C ILE B 94 15.81 8.27 -17.37
N LEU B 95 15.38 7.04 -17.60
CA LEU B 95 15.99 6.19 -18.62
C LEU B 95 15.04 5.99 -19.80
N ILE B 96 15.59 6.08 -21.01
CA ILE B 96 14.80 5.87 -22.22
C ILE B 96 15.17 4.54 -22.85
N THR B 97 14.16 3.71 -23.10
CA THR B 97 14.40 2.35 -23.61
C THR B 97 14.37 2.28 -25.12
N GLY B 98 14.90 1.19 -25.67
CA GLY B 98 14.89 0.96 -27.11
C GLY B 98 15.83 1.85 -27.90
N GLN B 99 16.85 2.37 -27.23
CA GLN B 99 17.76 3.34 -27.84
C GLN B 99 19.07 2.74 -28.35
N ILE B 100 19.42 1.56 -27.85
CA ILE B 100 20.64 0.89 -28.30
C ILE B 100 20.38 -0.57 -28.70
N ARG B 101 21.25 -1.10 -29.55
CA ARG B 101 21.09 -2.44 -30.11
C ARG B 101 21.28 -3.50 -29.05
N GLY B 102 20.75 -4.69 -29.33
CA GLY B 102 20.96 -5.82 -28.46
C GLY B 102 19.74 -6.10 -27.60
N THR B 103 19.57 -7.38 -27.27
CA THR B 103 18.42 -7.82 -26.49
C THR B 103 18.90 -8.80 -25.42
N PRO B 104 18.80 -8.39 -24.15
CA PRO B 104 19.29 -9.16 -23.01
C PRO B 104 18.31 -10.26 -22.62
N PHE B 105 18.78 -11.25 -21.87
CA PHE B 105 17.91 -12.31 -21.38
C PHE B 105 17.95 -12.39 -19.85
N ILE B 106 16.80 -12.67 -19.25
CA ILE B 106 16.69 -12.75 -17.80
C ILE B 106 16.45 -14.19 -17.36
N SER B 107 16.94 -14.57 -16.19
CA SER B 107 16.66 -15.90 -15.64
C SER B 107 16.87 -15.93 -14.12
N VAL B 108 16.29 -16.92 -13.46
CA VAL B 108 16.40 -17.04 -12.01
C VAL B 108 17.01 -18.38 -11.60
N GLN B 109 17.73 -18.37 -10.48
CA GLN B 109 18.20 -19.60 -9.87
C GLN B 109 17.76 -19.56 -8.42
N PRO B 110 17.08 -20.62 -7.95
CA PRO B 110 16.82 -21.83 -8.73
C PRO B 110 15.56 -21.76 -9.58
N GLY B 111 14.72 -20.75 -9.36
CA GLY B 111 13.51 -20.58 -10.15
C GLY B 111 12.72 -19.36 -9.73
N PRO B 112 11.69 -19.01 -10.52
CA PRO B 112 10.83 -17.85 -10.25
C PRO B 112 9.75 -18.07 -9.18
N THR B 113 9.57 -19.25 -8.70
CA THR B 113 8.63 -19.37 -7.66
C THR B 113 9.41 -19.96 -6.57
N VAL B 114 9.58 -19.22 -5.51
CA VAL B 114 10.52 -19.61 -4.53
C VAL B 114 9.88 -19.51 -3.21
N ALA B 115 10.28 -20.34 -2.25
CA ALA B 115 9.65 -20.13 -0.94
C ALA B 115 10.34 -18.99 -0.18
N SER B 116 9.52 -18.16 0.47
CA SER B 116 9.95 -16.96 1.18
C SER B 116 11.08 -17.14 2.21
N GLY B 117 11.94 -16.12 2.29
CA GLY B 117 13.03 -16.11 3.26
C GLY B 117 14.30 -16.72 2.71
N GLU B 118 14.22 -17.19 1.46
CA GLU B 118 15.34 -17.86 0.80
C GLU B 118 16.19 -16.94 -0.08
N ASN B 119 17.34 -17.46 -0.49
CA ASN B 119 18.26 -16.77 -1.41
C ASN B 119 17.87 -16.97 -2.87
N VAL B 120 17.82 -15.90 -3.65
CA VAL B 120 17.51 -15.98 -5.08
C VAL B 120 18.40 -15.07 -5.92
N THR B 121 19.14 -15.65 -6.86
CA THR B 121 19.87 -14.83 -7.82
C THR B 121 19.06 -14.65 -9.11
N LEU B 122 19.05 -13.41 -9.61
CA LEU B 122 18.39 -13.06 -10.86
C LEU B 122 19.51 -12.59 -11.78
N LEU B 123 19.68 -13.23 -12.94
CA LEU B 123 20.79 -12.83 -13.83
C LEU B 123 20.34 -12.32 -15.20
N CYS B 124 21.04 -11.27 -15.66
CA CYS B 124 20.84 -10.74 -16.99
C CYS B 124 22.00 -11.17 -17.87
N GLN B 125 21.70 -11.73 -19.04
CA GLN B 125 22.75 -12.18 -19.95
C GLN B 125 22.59 -11.54 -21.33
N SER B 126 23.69 -11.47 -22.08
CA SER B 126 23.67 -10.82 -23.39
C SER B 126 24.75 -11.36 -24.31
N TRP B 127 24.40 -11.51 -25.59
CA TRP B 127 25.40 -11.85 -26.60
C TRP B 127 26.17 -10.59 -26.93
N ARG B 128 25.45 -9.51 -27.22
CA ARG B 128 26.09 -8.23 -27.49
C ARG B 128 26.66 -7.62 -26.21
N GLN B 129 27.69 -6.79 -26.39
CA GLN B 129 28.40 -6.17 -25.28
C GLN B 129 27.64 -5.01 -24.64
N PHE B 130 27.46 -5.08 -23.34
CA PHE B 130 26.97 -3.96 -22.57
C PHE B 130 27.97 -3.63 -21.46
N HIS B 131 28.06 -2.36 -21.10
CA HIS B 131 28.94 -1.94 -20.02
C HIS B 131 28.24 -2.09 -18.67
N THR B 132 26.94 -1.74 -18.64
CA THR B 132 26.14 -1.95 -17.44
C THR B 132 24.80 -2.64 -17.75
N PHE B 133 24.30 -3.40 -16.78
CA PHE B 133 22.95 -3.97 -16.86
C PHE B 133 22.04 -3.32 -15.82
N LEU B 134 20.76 -3.18 -16.15
CA LEU B 134 19.80 -2.60 -15.22
C LEU B 134 18.68 -3.58 -14.95
N LEU B 135 18.38 -3.81 -13.69
CA LEU B 135 17.27 -4.67 -13.31
C LEU B 135 16.12 -3.77 -12.87
N THR B 136 14.98 -3.90 -13.53
CA THR B 136 13.82 -3.08 -13.19
C THR B 136 12.67 -3.94 -12.65
N LYS B 137 11.83 -3.32 -11.84
CA LYS B 137 10.69 -4.01 -11.26
C LYS B 137 9.42 -3.23 -11.55
N ALA B 138 8.49 -3.89 -12.23
CA ALA B 138 7.21 -3.31 -12.60
C ALA B 138 6.43 -2.79 -11.40
N GLY B 139 5.79 -1.63 -11.56
CA GLY B 139 5.01 -1.06 -10.48
C GLY B 139 5.80 -0.10 -9.61
N ALA B 140 5.82 -0.36 -8.30
CA ALA B 140 6.58 0.46 -7.37
C ALA B 140 7.97 0.71 -7.91
N ALA B 141 8.22 1.97 -8.28
CA ALA B 141 9.49 2.28 -8.90
C ALA B 141 10.29 3.28 -8.09
N ASP B 142 11.33 2.74 -7.44
CA ASP B 142 12.44 3.51 -6.95
C ASP B 142 13.44 3.51 -8.11
N ALA B 143 14.72 3.67 -7.82
CA ALA B 143 15.71 3.54 -8.88
C ALA B 143 15.83 2.06 -9.25
N PRO B 144 16.11 1.77 -10.53
CA PRO B 144 16.37 0.37 -10.85
C PRO B 144 17.80 0.05 -10.48
N LEU B 145 18.13 -1.24 -10.38
CA LEU B 145 19.47 -1.65 -9.97
C LEU B 145 20.41 -1.62 -11.17
N ARG B 146 21.56 -0.97 -11.02
CA ARG B 146 22.57 -0.98 -12.08
C ARG B 146 23.82 -1.71 -11.61
N LEU B 147 24.47 -2.41 -12.53
CA LEU B 147 25.69 -3.15 -12.21
C LEU B 147 26.59 -3.20 -13.43
N ARG B 148 27.89 -3.22 -13.20
CA ARG B 148 28.84 -3.33 -14.31
C ARG B 148 28.81 -4.75 -14.83
N SER B 149 28.91 -4.89 -16.15
CA SER B 149 28.86 -6.20 -16.77
C SER B 149 30.20 -6.94 -16.67
N ILE B 150 30.12 -8.24 -16.44
CA ILE B 150 31.29 -9.09 -16.47
C ILE B 150 31.32 -9.85 -17.79
N HIS B 151 32.40 -9.69 -18.54
CA HIS B 151 32.55 -10.45 -19.78
C HIS B 151 32.91 -11.90 -19.46
N GLU B 152 31.91 -12.76 -19.57
CA GLU B 152 32.11 -14.19 -19.40
C GLU B 152 31.84 -14.83 -20.75
N TYR B 153 32.83 -14.76 -21.64
CA TYR B 153 32.75 -15.27 -23.01
C TYR B 153 32.02 -16.63 -23.07
N PRO B 154 31.06 -16.76 -23.99
CA PRO B 154 30.71 -15.80 -25.04
C PRO B 154 29.60 -14.85 -24.66
N LYS B 155 29.33 -14.71 -23.36
CA LYS B 155 28.24 -13.86 -22.88
C LYS B 155 28.69 -12.72 -21.94
N TYR B 156 27.81 -11.74 -21.78
CA TYR B 156 27.98 -10.68 -20.80
C TYR B 156 26.90 -10.85 -19.73
N GLN B 157 27.22 -10.53 -18.48
CA GLN B 157 26.25 -10.76 -17.41
C GLN B 157 26.41 -9.86 -16.20
N ALA B 158 25.42 -9.93 -15.32
CA ALA B 158 25.43 -9.30 -14.02
C ALA B 158 24.43 -10.06 -13.17
N GLU B 159 24.85 -10.48 -11.98
CA GLU B 159 23.96 -11.23 -11.10
C GLU B 159 23.37 -10.30 -10.05
N PHE B 160 22.05 -10.28 -9.96
CA PHE B 160 21.35 -9.46 -8.98
C PHE B 160 20.79 -10.34 -7.87
N PRO B 161 21.56 -10.51 -6.78
CA PRO B 161 21.11 -11.39 -5.70
C PRO B 161 20.13 -10.68 -4.79
N MET B 162 19.08 -11.39 -4.36
CA MET B 162 18.10 -10.80 -3.46
C MET B 162 17.93 -11.66 -2.22
N SER B 163 19.04 -12.25 -1.78
CA SER B 163 19.09 -13.12 -0.60
C SER B 163 18.32 -12.53 0.60
N PRO B 164 17.86 -13.40 1.51
CA PRO B 164 16.58 -13.19 2.16
C PRO B 164 15.54 -12.44 1.29
N VAL B 165 14.80 -13.20 0.47
CA VAL B 165 13.68 -12.64 -0.30
C VAL B 165 12.44 -12.57 0.58
N THR B 166 11.56 -11.62 0.29
CA THR B 166 10.32 -11.44 1.03
C THR B 166 9.14 -11.31 0.05
N SER B 167 7.93 -11.26 0.59
CA SER B 167 6.74 -11.04 -0.23
C SER B 167 6.82 -9.71 -1.00
N ALA B 168 7.62 -8.78 -0.49
CA ALA B 168 7.79 -7.48 -1.12
C ALA B 168 8.64 -7.58 -2.39
N HIS B 169 9.62 -8.47 -2.37
CA HIS B 169 10.50 -8.69 -3.53
C HIS B 169 9.75 -9.28 -4.72
N ALA B 170 8.60 -9.91 -4.46
CA ALA B 170 7.80 -10.55 -5.49
C ALA B 170 7.31 -9.52 -6.52
N GLY B 171 7.26 -9.93 -7.78
CA GLY B 171 6.82 -9.03 -8.85
C GLY B 171 7.38 -9.40 -10.22
N THR B 172 7.20 -8.50 -11.18
CA THR B 172 7.61 -8.75 -12.56
C THR B 172 8.90 -8.01 -12.89
N TYR B 173 9.94 -8.76 -13.22
CA TYR B 173 11.26 -8.17 -13.43
C TYR B 173 11.65 -8.18 -14.89
N ARG B 174 12.24 -7.08 -15.34
CA ARG B 174 12.84 -7.04 -16.67
C ARG B 174 14.29 -6.63 -16.53
N CYS B 175 15.04 -6.74 -17.62
CA CYS B 175 16.48 -6.58 -17.57
C CYS B 175 16.88 -5.76 -18.79
N TYR B 176 17.72 -4.75 -18.59
CA TYR B 176 18.06 -3.83 -19.66
C TYR B 176 19.58 -3.76 -19.81
N GLY B 177 20.05 -3.37 -20.99
CA GLY B 177 21.47 -3.22 -21.23
C GLY B 177 21.77 -1.75 -21.46
N SER B 178 23.00 -1.35 -21.17
CA SER B 178 23.40 0.04 -21.30
C SER B 178 24.88 0.17 -21.65
N LEU B 179 25.23 1.25 -22.35
CA LEU B 179 26.62 1.53 -22.70
C LEU B 179 27.07 2.83 -22.05
N ASN B 180 28.37 2.95 -21.79
CA ASN B 180 28.91 4.11 -21.09
C ASN B 180 28.84 5.40 -21.92
N SER B 181 28.69 5.25 -23.23
CA SER B 181 28.46 6.39 -24.12
C SER B 181 27.35 7.31 -23.59
N ASP B 182 26.24 6.69 -23.15
CA ASP B 182 25.14 7.41 -22.52
C ASP B 182 24.37 6.43 -21.66
N PRO B 183 24.60 6.47 -20.34
CA PRO B 183 24.05 5.50 -19.40
C PRO B 183 22.54 5.62 -19.20
N TYR B 184 21.93 6.64 -19.80
CA TYR B 184 20.50 6.86 -19.63
C TYR B 184 19.70 6.40 -20.85
N LEU B 185 20.41 5.90 -21.86
CA LEU B 185 19.77 5.29 -23.02
C LEU B 185 19.92 3.78 -22.88
N LEU B 186 18.79 3.07 -22.87
CA LEU B 186 18.83 1.63 -22.65
C LEU B 186 18.43 0.87 -23.90
N SER B 187 18.68 -0.43 -23.88
CA SER B 187 18.22 -1.33 -24.94
C SER B 187 16.74 -1.57 -24.78
N HIS B 188 16.18 -2.39 -25.67
CA HIS B 188 14.82 -2.89 -25.48
C HIS B 188 14.88 -3.84 -24.30
N PRO B 189 13.75 -4.01 -23.59
CA PRO B 189 13.77 -4.86 -22.39
C PRO B 189 13.89 -6.34 -22.73
N SER B 190 14.25 -7.15 -21.74
CA SER B 190 14.19 -8.58 -21.88
C SER B 190 12.73 -8.99 -21.73
N GLU B 191 12.44 -10.28 -21.88
CA GLU B 191 11.11 -10.77 -21.55
C GLU B 191 10.92 -10.65 -20.04
N PRO B 192 9.69 -10.38 -19.60
CA PRO B 192 9.43 -10.28 -18.16
C PRO B 192 9.66 -11.61 -17.43
N LEU B 193 9.99 -11.53 -16.16
CA LEU B 193 10.16 -12.72 -15.33
C LEU B 193 9.39 -12.47 -14.03
N GLU B 194 8.35 -13.26 -13.80
CA GLU B 194 7.55 -13.10 -12.60
C GLU B 194 8.18 -13.82 -11.42
N LEU B 195 8.52 -13.06 -10.38
CA LEU B 195 9.05 -13.64 -9.17
C LEU B 195 7.85 -13.78 -8.26
N VAL B 196 7.57 -15.00 -7.84
CA VAL B 196 6.47 -15.23 -6.93
C VAL B 196 7.08 -15.81 -5.68
N VAL B 197 6.50 -15.52 -4.51
CA VAL B 197 6.96 -16.10 -3.26
C VAL B 197 5.78 -16.48 -2.37
N SER B 198 6.00 -17.44 -1.48
CA SER B 198 4.98 -17.88 -0.52
C SER B 198 5.60 -18.89 0.44
N SER C 1 13.15 9.76 21.35
CA SER C 1 13.29 8.55 22.15
C SER C 1 12.09 7.60 21.99
N LYS C 2 11.15 7.97 21.14
CA LYS C 2 9.91 7.21 20.96
C LYS C 2 10.17 5.74 20.61
N LYS C 3 9.22 4.88 20.99
CA LYS C 3 9.36 3.45 20.77
C LYS C 3 9.08 3.13 19.30
N PRO C 4 9.86 2.21 18.72
CA PRO C 4 9.56 1.83 17.34
C PRO C 4 8.28 1.00 17.27
N SER C 5 7.78 0.76 16.05
CA SER C 5 6.57 -0.04 15.88
C SER C 5 6.91 -1.38 15.22
N LEU C 6 6.11 -2.40 15.50
CA LEU C 6 6.35 -3.74 14.96
C LEU C 6 5.16 -4.23 14.14
N SER C 7 5.45 -4.79 12.97
CA SER C 7 4.41 -5.40 12.13
C SER C 7 4.92 -6.66 11.46
N VAL C 8 3.98 -7.52 11.04
CA VAL C 8 4.32 -8.74 10.30
C VAL C 8 3.76 -8.73 8.89
N GLN C 9 4.56 -9.24 7.96
CA GLN C 9 4.06 -9.70 6.68
C GLN C 9 4.43 -11.17 6.55
N PRO C 10 3.50 -12.00 6.07
CA PRO C 10 2.14 -11.63 5.63
C PRO C 10 1.15 -11.55 6.79
N GLY C 11 1.51 -12.06 7.96
CA GLY C 11 0.57 -12.11 9.08
C GLY C 11 1.10 -12.87 10.29
N PRO C 12 0.33 -12.87 11.39
CA PRO C 12 0.78 -13.45 12.66
C PRO C 12 0.43 -14.92 12.81
N VAL C 13 -0.53 -15.39 12.02
CA VAL C 13 -0.98 -16.79 12.09
C VAL C 13 -0.20 -17.59 11.05
N MET C 14 0.60 -18.54 11.54
CA MET C 14 1.58 -19.24 10.70
C MET C 14 1.47 -20.76 10.83
N ALA C 15 1.53 -21.44 9.70
CA ALA C 15 1.62 -22.90 9.69
C ALA C 15 3.09 -23.28 9.62
N PRO C 16 3.46 -24.41 10.25
CA PRO C 16 4.85 -24.89 10.24
C PRO C 16 5.43 -24.95 8.83
N GLY C 17 6.70 -24.60 8.69
CA GLY C 17 7.35 -24.59 7.39
C GLY C 17 7.31 -23.24 6.70
N GLU C 18 6.22 -22.50 6.93
CA GLU C 18 6.08 -21.16 6.38
C GLU C 18 7.15 -20.21 6.92
N SER C 19 7.30 -19.07 6.26
CA SER C 19 8.29 -18.09 6.67
C SER C 19 7.61 -16.73 6.75
N LEU C 20 8.17 -15.83 7.54
CA LEU C 20 7.57 -14.51 7.72
C LEU C 20 8.62 -13.44 7.97
N THR C 21 8.21 -12.19 7.78
CA THR C 21 9.10 -11.06 8.01
C THR C 21 8.50 -10.09 9.02
N LEU C 22 9.29 -9.76 10.04
CA LEU C 22 8.90 -8.80 11.06
C LEU C 22 9.61 -7.48 10.79
N GLN C 23 8.85 -6.39 10.71
CA GLN C 23 9.42 -5.10 10.39
C GLN C 23 9.38 -4.16 11.59
N CYS C 24 10.51 -3.56 11.90
CA CYS C 24 10.58 -2.64 13.04
C CYS C 24 10.97 -1.26 12.55
N VAL C 25 10.08 -0.29 12.74
CA VAL C 25 10.24 1.05 12.19
C VAL C 25 10.21 2.13 13.27
N SER C 26 11.12 3.08 13.19
CA SER C 26 11.09 4.25 14.06
C SER C 26 11.42 5.48 13.23
N ASP C 27 10.96 6.65 13.71
CA ASP C 27 11.30 7.91 13.04
C ASP C 27 12.55 8.55 13.65
N VAL C 28 13.20 7.81 14.54
CA VAL C 28 14.50 8.19 15.07
C VAL C 28 15.57 7.32 14.40
N GLY C 29 16.68 7.94 13.99
CA GLY C 29 17.70 7.27 13.22
C GLY C 29 18.64 6.35 13.98
N TYR C 30 18.09 5.24 14.46
CA TYR C 30 18.88 4.23 15.17
C TYR C 30 19.86 3.51 14.24
N ASP C 31 21.07 3.25 14.73
CA ASP C 31 22.08 2.54 13.96
C ASP C 31 21.76 1.05 13.84
N ARG C 32 21.14 0.49 14.87
CA ARG C 32 20.79 -0.93 14.86
C ARG C 32 19.46 -1.20 15.55
N PHE C 33 18.82 -2.31 15.17
CA PHE C 33 17.60 -2.74 15.83
C PHE C 33 17.79 -4.14 16.41
N VAL C 34 17.08 -4.44 17.49
CA VAL C 34 17.18 -5.75 18.11
C VAL C 34 15.79 -6.36 18.24
N LEU C 35 15.61 -7.54 17.65
CA LEU C 35 14.34 -8.25 17.75
C LEU C 35 14.48 -9.31 18.84
N TYR C 36 13.52 -9.36 19.75
CA TYR C 36 13.56 -10.37 20.79
C TYR C 36 12.22 -10.99 21.12
N LYS C 37 12.27 -12.21 21.61
CA LYS C 37 11.10 -12.96 22.00
C LYS C 37 11.03 -12.98 23.52
N GLU C 38 9.85 -12.64 24.05
CA GLU C 38 9.63 -12.58 25.50
C GLU C 38 10.05 -13.89 26.17
N GLY C 39 10.99 -13.79 27.10
CA GLY C 39 11.42 -14.95 27.87
C GLY C 39 12.40 -15.84 27.13
N GLU C 40 12.94 -15.33 26.03
CA GLU C 40 13.92 -16.10 25.26
C GLU C 40 15.27 -15.40 25.31
N ARG C 41 16.31 -16.22 25.45
CA ARG C 41 17.68 -15.74 25.63
C ARG C 41 18.24 -15.07 24.38
N ASP C 42 17.88 -15.61 23.23
CA ASP C 42 18.47 -15.20 21.96
C ASP C 42 17.99 -13.84 21.45
N LEU C 43 18.91 -13.06 20.89
CA LEU C 43 18.58 -11.77 20.31
C LEU C 43 18.88 -11.80 18.82
N ARG C 44 18.14 -10.99 18.05
CA ARG C 44 18.42 -10.81 16.64
C ARG C 44 18.73 -9.35 16.39
N GLN C 45 19.82 -9.10 15.66
CA GLN C 45 20.32 -7.74 15.52
C GLN C 45 20.52 -7.39 14.05
N LEU C 46 19.95 -6.26 13.64
CA LEU C 46 20.05 -5.80 12.26
C LEU C 46 20.37 -4.31 12.27
N PRO C 47 21.21 -3.88 11.32
CA PRO C 47 21.52 -2.44 11.17
C PRO C 47 20.32 -1.68 10.60
N GLY C 48 20.18 -0.41 10.97
CA GLY C 48 19.07 0.40 10.51
C GLY C 48 19.21 0.79 9.06
N ARG C 49 18.09 0.93 8.36
CA ARG C 49 18.11 1.30 6.95
C ARG C 49 17.06 2.37 6.69
N GLN C 50 17.27 3.21 5.68
CA GLN C 50 16.34 4.28 5.35
C GLN C 50 15.79 4.23 3.93
N PRO C 51 14.98 3.21 3.61
CA PRO C 51 14.36 3.20 2.29
C PRO C 51 13.35 4.33 2.17
N GLN C 52 12.58 4.55 3.24
CA GLN C 52 11.71 5.72 3.32
C GLN C 52 12.45 6.85 4.01
N ALA C 53 12.32 8.07 3.47
CA ALA C 53 12.96 9.25 4.04
C ALA C 53 12.38 9.58 5.40
N GLY C 54 13.23 9.84 6.38
CA GLY C 54 12.80 10.14 7.73
C GLY C 54 12.28 8.93 8.47
N LEU C 55 12.71 7.75 8.01
CA LEU C 55 12.29 6.49 8.61
C LEU C 55 13.47 5.52 8.67
N SER C 56 13.71 4.93 9.83
CA SER C 56 14.75 3.94 9.99
C SER C 56 14.07 2.61 10.27
N GLN C 57 14.59 1.54 9.69
CA GLN C 57 13.96 0.24 9.88
C GLN C 57 14.90 -0.94 9.69
N ALA C 58 14.41 -2.10 10.12
CA ALA C 58 15.09 -3.36 9.88
C ALA C 58 14.00 -4.39 9.65
N ASN C 59 14.23 -5.30 8.70
CA ASN C 59 13.27 -6.34 8.39
C ASN C 59 13.80 -7.69 8.81
N PHE C 60 13.25 -8.22 9.91
CA PHE C 60 13.67 -9.53 10.41
C PHE C 60 12.84 -10.63 9.78
N THR C 61 13.49 -11.53 9.05
CA THR C 61 12.80 -12.66 8.45
C THR C 61 13.06 -13.88 9.32
N LEU C 62 11.99 -14.49 9.82
CA LEU C 62 12.13 -15.70 10.63
C LEU C 62 11.89 -16.90 9.73
N GLY C 63 12.96 -17.70 9.56
CA GLY C 63 12.96 -18.84 8.66
C GLY C 63 11.89 -19.85 9.00
N PRO C 64 11.84 -20.97 8.25
CA PRO C 64 10.76 -21.97 8.33
C PRO C 64 10.31 -22.23 9.77
N VAL C 65 9.03 -21.96 10.02
CA VAL C 65 8.53 -21.80 11.39
C VAL C 65 8.20 -23.13 12.05
N SER C 66 8.37 -23.21 13.37
CA SER C 66 8.07 -24.40 14.15
C SER C 66 7.23 -24.00 15.35
N ARG C 67 6.89 -24.98 16.19
CA ARG C 67 6.16 -24.74 17.43
C ARG C 67 6.88 -23.76 18.35
N SER C 68 8.21 -23.83 18.36
CA SER C 68 9.00 -23.00 19.26
C SER C 68 9.01 -21.52 18.85
N TYR C 69 8.49 -21.22 17.67
CA TYR C 69 8.44 -19.84 17.20
C TYR C 69 7.23 -19.08 17.75
N GLY C 70 6.27 -19.82 18.29
CA GLY C 70 5.10 -19.21 18.88
C GLY C 70 5.51 -18.39 20.08
N GLY C 71 4.95 -17.18 20.20
CA GLY C 71 5.27 -16.33 21.34
C GLY C 71 5.16 -14.84 21.08
N GLN C 72 5.76 -14.06 21.98
CA GLN C 72 5.58 -12.61 22.01
C GLN C 72 6.85 -11.89 21.59
N TYR C 73 6.77 -11.05 20.57
CA TYR C 73 7.95 -10.39 20.03
C TYR C 73 7.94 -8.88 20.25
N ARG C 74 9.10 -8.33 20.63
CA ARG C 74 9.27 -6.89 20.76
C ARG C 74 10.55 -6.47 20.05
N CYS C 75 10.68 -5.17 19.80
CA CYS C 75 11.81 -4.64 19.08
C CYS C 75 12.28 -3.34 19.73
N TYR C 76 13.58 -3.07 19.69
CA TYR C 76 14.11 -1.79 20.16
C TYR C 76 15.25 -1.26 19.31
N GLY C 77 15.47 0.05 19.35
CA GLY C 77 16.54 0.66 18.59
C GLY C 77 17.76 0.96 19.45
N ALA C 78 18.93 0.98 18.83
CA ALA C 78 20.19 1.27 19.53
C ALA C 78 21.12 2.12 18.68
N HIS C 79 22.07 2.78 19.33
CA HIS C 79 23.05 3.59 18.63
C HIS C 79 24.47 3.03 18.77
N ASN C 80 25.38 3.38 17.88
CA ASN C 80 26.76 2.89 18.03
C ASN C 80 27.59 3.46 19.16
N LEU C 81 27.74 4.76 19.19
CA LEU C 81 28.59 5.40 20.19
C LEU C 81 27.90 5.24 21.50
N SER C 82 26.78 5.87 21.45
CA SER C 82 25.78 5.96 22.51
C SER C 82 25.48 4.59 23.12
N SER C 83 25.21 4.57 24.43
CA SER C 83 24.93 3.33 25.14
C SER C 83 23.45 3.21 25.48
N GLU C 84 22.67 4.14 24.94
CA GLU C 84 21.23 4.12 25.17
C GLU C 84 20.49 3.24 24.17
N CYS C 85 19.43 2.59 24.64
CA CYS C 85 18.51 1.93 23.75
C CYS C 85 17.13 2.54 23.96
N SER C 86 16.26 2.39 22.96
CA SER C 86 14.93 2.99 23.03
C SER C 86 14.02 2.14 23.91
N ALA C 87 12.81 2.64 24.13
CA ALA C 87 11.79 1.84 24.78
C ALA C 87 11.40 0.72 23.81
N PRO C 88 11.06 -0.46 24.35
CA PRO C 88 10.68 -1.58 23.48
C PRO C 88 9.34 -1.35 22.80
N SER C 89 9.17 -1.92 21.61
CA SER C 89 7.91 -1.79 20.87
C SER C 89 6.78 -2.53 21.58
N ASP C 90 5.55 -2.25 21.16
CA ASP C 90 4.41 -3.04 21.62
C ASP C 90 4.60 -4.48 21.14
N PRO C 91 4.07 -5.45 21.89
CA PRO C 91 4.38 -6.85 21.57
C PRO C 91 3.62 -7.37 20.36
N LEU C 92 4.24 -8.28 19.62
CA LEU C 92 3.62 -8.87 18.45
C LEU C 92 3.53 -10.37 18.73
N ASP C 93 2.31 -10.89 18.84
CA ASP C 93 2.11 -12.31 19.09
C ASP C 93 2.19 -13.11 17.78
N ILE C 94 3.07 -14.11 17.77
CA ILE C 94 3.14 -15.04 16.63
C ILE C 94 2.50 -16.37 17.00
N LEU C 95 1.53 -16.79 16.20
CA LEU C 95 0.76 -17.99 16.47
C LEU C 95 1.13 -19.12 15.52
N ILE C 96 1.24 -20.34 16.05
CA ILE C 96 1.57 -21.51 15.24
C ILE C 96 0.37 -22.45 15.15
N THR C 97 -0.03 -22.80 13.92
CA THR C 97 -1.22 -23.63 13.69
C THR C 97 -0.92 -25.12 13.58
N GLY C 98 -1.96 -25.94 13.76
CA GLY C 98 -1.85 -27.38 13.61
C GLY C 98 -1.05 -28.04 14.72
N GLN C 99 -0.95 -27.36 15.87
CA GLN C 99 -0.10 -27.83 16.95
C GLN C 99 -0.85 -28.59 18.04
N ILE C 100 -2.16 -28.40 18.10
CA ILE C 100 -2.98 -29.11 19.08
C ILE C 100 -4.17 -29.80 18.42
N ARG C 101 -4.71 -30.82 19.10
CA ARG C 101 -5.79 -31.64 18.57
C ARG C 101 -7.11 -30.88 18.49
N GLY C 102 -8.02 -31.35 17.65
CA GLY C 102 -9.36 -30.79 17.58
C GLY C 102 -9.55 -29.82 16.42
N THR C 103 -10.78 -29.76 15.92
CA THR C 103 -11.10 -28.89 14.80
C THR C 103 -12.42 -28.16 15.05
N PRO C 104 -12.35 -26.84 15.24
CA PRO C 104 -13.55 -26.05 15.55
C PRO C 104 -14.36 -25.78 14.29
N PHE C 105 -15.64 -25.39 14.44
CA PHE C 105 -16.43 -25.03 13.28
C PHE C 105 -16.91 -23.59 13.44
N ILE C 106 -16.98 -22.86 12.33
CA ILE C 106 -17.42 -21.48 12.36
C ILE C 106 -18.81 -21.39 11.74
N SER C 107 -19.64 -20.47 12.23
CA SER C 107 -20.97 -20.25 11.68
C SER C 107 -21.49 -18.85 12.05
N VAL C 108 -22.53 -18.39 11.36
CA VAL C 108 -23.06 -17.05 11.58
C VAL C 108 -24.50 -16.98 12.04
N GLN C 109 -24.79 -15.96 12.84
CA GLN C 109 -26.15 -15.58 13.17
C GLN C 109 -26.21 -14.09 12.85
N PRO C 110 -27.12 -13.68 11.96
CA PRO C 110 -28.09 -14.54 11.28
C PRO C 110 -27.59 -15.12 9.94
N GLY C 111 -26.49 -14.64 9.36
CA GLY C 111 -26.08 -15.25 8.10
C GLY C 111 -24.85 -14.72 7.37
N PRO C 112 -24.46 -15.40 6.28
CA PRO C 112 -23.33 -15.00 5.46
C PRO C 112 -23.68 -13.88 4.46
N THR C 113 -24.95 -13.60 4.34
CA THR C 113 -25.37 -12.52 3.51
C THR C 113 -26.09 -11.72 4.52
N VAL C 114 -25.74 -10.47 4.60
CA VAL C 114 -26.18 -9.72 5.72
C VAL C 114 -26.22 -8.29 5.30
N ALA C 115 -27.32 -7.64 5.61
CA ALA C 115 -27.44 -6.24 5.21
C ALA C 115 -26.72 -5.34 6.21
N SER C 116 -25.98 -4.36 5.68
CA SER C 116 -25.20 -3.42 6.50
C SER C 116 -26.04 -2.74 7.58
N GLY C 117 -25.43 -2.50 8.74
CA GLY C 117 -26.11 -1.84 9.83
C GLY C 117 -26.77 -2.79 10.81
N GLU C 118 -26.66 -4.08 10.53
CA GLU C 118 -27.25 -5.10 11.41
C GLU C 118 -26.24 -5.57 12.44
N ASN C 119 -26.73 -6.19 13.51
CA ASN C 119 -25.86 -6.85 14.47
C ASN C 119 -25.63 -8.28 14.03
N VAL C 120 -24.38 -8.73 14.03
CA VAL C 120 -24.05 -10.10 13.62
C VAL C 120 -23.07 -10.78 14.54
N THR C 121 -23.48 -11.92 15.10
CA THR C 121 -22.59 -12.75 15.89
C THR C 121 -21.97 -13.82 15.00
N LEU C 122 -20.67 -14.04 15.18
CA LEU C 122 -19.94 -15.10 14.50
C LEU C 122 -19.46 -16.01 15.61
N LEU C 123 -19.84 -17.29 15.55
CA LEU C 123 -19.44 -18.19 16.62
C LEU C 123 -18.52 -19.34 16.18
N CYS C 124 -17.55 -19.63 17.03
CA CYS C 124 -16.68 -20.77 16.84
C CYS C 124 -17.12 -21.83 17.83
N GLN C 125 -17.31 -23.06 17.35
CA GLN C 125 -17.78 -24.14 18.20
C GLN C 125 -16.83 -25.32 18.14
N SER C 126 -16.83 -26.14 19.18
CA SER C 126 -15.92 -27.28 19.23
C SER C 126 -16.44 -28.40 20.13
N TRP C 127 -16.21 -29.64 19.72
CA TRP C 127 -16.49 -30.80 20.56
C TRP C 127 -15.40 -30.95 21.62
N ARG C 128 -14.15 -30.90 21.17
CA ARG C 128 -13.02 -30.97 22.08
C ARG C 128 -12.92 -29.68 22.89
N GLN C 129 -12.29 -29.77 24.05
CA GLN C 129 -12.14 -28.61 24.92
C GLN C 129 -11.08 -27.64 24.40
N PHE C 130 -11.47 -26.38 24.25
CA PHE C 130 -10.49 -25.31 24.03
C PHE C 130 -10.67 -24.25 25.12
N HIS C 131 -9.58 -23.62 25.53
CA HIS C 131 -9.66 -22.57 26.55
C HIS C 131 -9.95 -21.20 25.94
N THR C 132 -9.32 -20.90 24.80
CA THR C 132 -9.61 -19.67 24.08
C THR C 132 -9.87 -19.95 22.61
N PHE C 133 -10.69 -19.12 21.98
CA PHE C 133 -10.89 -19.19 20.55
C PHE C 133 -10.30 -17.95 19.89
N LEU C 134 -9.79 -18.11 18.68
CA LEU C 134 -9.19 -17.01 17.94
C LEU C 134 -9.91 -16.84 16.61
N LEU C 135 -10.31 -15.60 16.32
CA LEU C 135 -10.97 -15.32 15.05
C LEU C 135 -9.98 -14.63 14.12
N THR C 136 -9.77 -15.21 12.94
CA THR C 136 -8.87 -14.63 11.96
C THR C 136 -9.63 -14.25 10.69
N LYS C 137 -9.09 -13.28 9.97
CA LYS C 137 -9.66 -12.81 8.71
C LYS C 137 -8.53 -12.84 7.70
N ALA C 138 -8.76 -13.51 6.57
CA ALA C 138 -7.73 -13.65 5.53
C ALA C 138 -7.11 -12.31 5.17
N GLY C 139 -5.79 -12.29 5.00
CA GLY C 139 -5.01 -11.09 4.73
C GLY C 139 -5.70 -10.07 3.85
N ALA C 140 -5.81 -8.80 4.24
CA ALA C 140 -5.13 -8.16 5.39
C ALA C 140 -5.15 -8.83 6.76
N ALA C 141 -3.94 -9.21 7.19
CA ALA C 141 -3.72 -9.88 8.47
C ALA C 141 -2.78 -9.09 9.37
N ASP C 142 -3.29 -8.68 10.54
CA ASP C 142 -2.44 -8.31 11.68
C ASP C 142 -3.31 -8.05 12.91
N ALA C 143 -4.05 -9.07 13.37
CA ALA C 143 -4.82 -8.97 14.61
C ALA C 143 -4.43 -10.13 15.56
N PRO C 144 -5.17 -11.27 15.64
CA PRO C 144 -6.52 -11.81 15.45
C PRO C 144 -7.31 -11.66 16.75
N LEU C 145 -8.62 -11.80 16.71
CA LEU C 145 -9.44 -11.60 17.90
C LEU C 145 -9.44 -12.85 18.78
N ARG C 146 -9.18 -12.69 20.08
CA ARG C 146 -9.22 -13.84 21.00
C ARG C 146 -10.34 -13.71 22.02
N LEU C 147 -10.89 -14.85 22.43
CA LEU C 147 -11.96 -14.89 23.42
C LEU C 147 -11.86 -16.17 24.25
N ARG C 148 -12.25 -16.10 25.51
CA ARG C 148 -12.28 -17.28 26.36
C ARG C 148 -13.51 -18.11 25.97
N SER C 149 -13.35 -19.43 25.98
CA SER C 149 -14.42 -20.32 25.57
C SER C 149 -15.49 -20.47 26.64
N ILE C 150 -16.74 -20.55 26.21
CA ILE C 150 -17.84 -20.81 27.11
C ILE C 150 -18.20 -22.28 27.00
N HIS C 151 -18.12 -23.02 28.10
CA HIS C 151 -18.54 -24.40 28.09
C HIS C 151 -20.06 -24.44 28.16
N GLU C 152 -20.70 -24.64 27.01
CA GLU C 152 -22.14 -24.78 26.94
C GLU C 152 -22.46 -26.19 26.47
N TYR C 153 -22.51 -27.10 27.43
CA TYR C 153 -22.75 -28.53 27.20
C TYR C 153 -23.68 -28.83 26.04
N PRO C 154 -23.26 -29.73 25.14
CA PRO C 154 -21.99 -30.47 25.23
C PRO C 154 -20.83 -29.84 24.44
N LYS C 155 -20.92 -28.57 24.09
CA LYS C 155 -19.86 -27.92 23.29
C LYS C 155 -19.16 -26.74 23.96
N TYR C 156 -18.03 -26.35 23.40
CA TYR C 156 -17.34 -25.14 23.82
C TYR C 156 -17.49 -24.12 22.71
N GLN C 157 -17.68 -22.85 23.07
CA GLN C 157 -17.91 -21.83 22.06
C GLN C 157 -17.57 -20.41 22.52
N ALA C 158 -17.55 -19.49 21.56
CA ALA C 158 -17.31 -18.07 21.82
C ALA C 158 -17.96 -17.27 20.70
N GLU C 159 -18.67 -16.21 21.07
CA GLU C 159 -19.38 -15.39 20.10
C GLU C 159 -18.60 -14.13 19.75
N PHE C 160 -18.34 -13.94 18.46
CA PHE C 160 -17.64 -12.74 17.99
C PHE C 160 -18.62 -11.81 17.30
N PRO C 161 -19.17 -10.84 18.05
CA PRO C 161 -20.19 -9.93 17.52
C PRO C 161 -19.58 -8.81 16.69
N MET C 162 -20.28 -8.45 15.62
CA MET C 162 -19.87 -7.39 14.73
C MET C 162 -20.99 -6.36 14.64
N SER C 163 -21.60 -6.09 15.80
CA SER C 163 -22.71 -5.14 15.93
C SER C 163 -22.45 -3.85 15.14
N PRO C 164 -23.52 -3.21 14.66
CA PRO C 164 -23.43 -2.49 13.38
C PRO C 164 -22.41 -3.07 12.40
N VAL C 165 -22.87 -3.98 11.54
CA VAL C 165 -22.00 -4.51 10.48
C VAL C 165 -21.85 -3.50 9.37
N THR C 166 -20.71 -3.57 8.71
CA THR C 166 -20.38 -2.66 7.64
C THR C 166 -19.89 -3.46 6.44
N SER C 167 -19.69 -2.78 5.32
CA SER C 167 -19.09 -3.40 4.15
C SER C 167 -17.67 -3.90 4.43
N ALA C 168 -17.03 -3.28 5.42
CA ALA C 168 -15.66 -3.61 5.79
C ALA C 168 -15.53 -4.95 6.53
N HIS C 169 -16.56 -5.31 7.28
CA HIS C 169 -16.56 -6.57 8.02
C HIS C 169 -16.50 -7.78 7.08
N ALA C 170 -16.91 -7.58 5.82
CA ALA C 170 -16.92 -8.65 4.83
C ALA C 170 -15.50 -9.17 4.57
N GLY C 171 -15.39 -10.47 4.31
CA GLY C 171 -14.11 -11.10 4.06
C GLY C 171 -14.13 -12.59 4.37
N THR C 172 -12.95 -13.21 4.37
CA THR C 172 -12.86 -14.65 4.59
C THR C 172 -12.39 -14.93 6.01
N TYR C 173 -13.24 -15.57 6.80
CA TYR C 173 -12.95 -15.78 8.22
C TYR C 173 -12.69 -17.25 8.53
N ARG C 174 -11.65 -17.52 9.29
CA ARG C 174 -11.46 -18.85 9.84
C ARG C 174 -11.36 -18.77 11.35
N CYS C 175 -11.42 -19.93 12.00
CA CYS C 175 -11.60 -19.96 13.44
C CYS C 175 -10.66 -21.02 14.03
N TYR C 176 -9.97 -20.67 15.10
CA TYR C 176 -8.97 -21.54 15.68
C TYR C 176 -9.25 -21.78 17.17
N GLY C 177 -8.76 -22.89 17.70
CA GLY C 177 -8.92 -23.20 19.10
C GLY C 177 -7.57 -23.16 19.78
N SER C 178 -7.55 -22.91 21.09
CA SER C 178 -6.29 -22.80 21.80
C SER C 178 -6.41 -23.25 23.25
N LEU C 179 -5.30 -23.73 23.80
CA LEU C 179 -5.23 -24.17 25.19
C LEU C 179 -4.24 -23.31 26.01
N ASN C 180 -4.48 -23.21 27.31
CA ASN C 180 -3.69 -22.36 28.19
C ASN C 180 -2.24 -22.81 28.43
N SER C 181 -1.96 -24.08 28.21
CA SER C 181 -0.58 -24.61 28.29
C SER C 181 0.38 -23.73 27.51
N ASP C 182 -0.05 -23.34 26.30
CA ASP C 182 0.70 -22.41 25.45
C ASP C 182 -0.30 -21.75 24.51
N PRO C 183 -0.64 -20.48 24.80
CA PRO C 183 -1.67 -19.72 24.07
C PRO C 183 -1.27 -19.31 22.66
N TYR C 184 -0.04 -19.63 22.26
CA TYR C 184 0.43 -19.28 20.92
C TYR C 184 0.44 -20.47 19.98
N LEU C 185 0.02 -21.63 20.49
CA LEU C 185 -0.14 -22.83 19.66
C LEU C 185 -1.63 -23.05 19.42
N LEU C 186 -2.02 -23.10 18.15
CA LEU C 186 -3.43 -23.21 17.80
C LEU C 186 -3.74 -24.57 17.17
N SER C 187 -5.02 -24.87 17.08
CA SER C 187 -5.48 -26.06 16.38
C SER C 187 -5.41 -25.80 14.87
N HIS C 188 -5.80 -26.80 14.09
CA HIS C 188 -6.00 -26.59 12.66
C HIS C 188 -7.22 -25.68 12.48
N PRO C 189 -7.25 -24.91 11.37
CA PRO C 189 -8.37 -23.98 11.19
C PRO C 189 -9.69 -24.70 10.90
N SER C 190 -10.79 -23.98 11.10
CA SER C 190 -12.11 -24.44 10.71
C SER C 190 -12.25 -24.28 9.21
N GLU C 191 -13.39 -24.68 8.66
CA GLU C 191 -13.67 -24.33 7.28
C GLU C 191 -13.82 -22.83 7.21
N PRO C 192 -13.35 -22.22 6.11
CA PRO C 192 -13.54 -20.77 5.99
C PRO C 192 -15.02 -20.43 5.85
N LEU C 193 -15.40 -19.23 6.27
CA LEU C 193 -16.76 -18.76 6.10
C LEU C 193 -16.63 -17.39 5.49
N GLU C 194 -16.99 -17.26 4.22
CA GLU C 194 -16.87 -15.97 3.57
C GLU C 194 -18.07 -15.13 3.94
N LEU C 195 -17.81 -13.96 4.49
CA LEU C 195 -18.86 -13.06 4.88
C LEU C 195 -19.12 -12.10 3.72
N VAL C 196 -20.36 -12.02 3.29
CA VAL C 196 -20.73 -11.10 2.23
C VAL C 196 -21.68 -10.13 2.92
N VAL C 197 -21.62 -8.86 2.55
CA VAL C 197 -22.53 -7.85 3.12
C VAL C 197 -23.01 -6.87 2.06
N SER C 198 -24.13 -6.21 2.35
CA SER C 198 -24.70 -5.21 1.46
C SER C 198 -25.87 -4.51 2.15
#